data_2PFR
#
_entry.id   2PFR
#
_cell.length_a   130.063
_cell.length_b   130.063
_cell.length_c   111.230
_cell.angle_alpha   90.00
_cell.angle_beta   90.00
_cell.angle_gamma   90.00
#
_symmetry.space_group_name_H-M   'P 43 21 2'
#
loop_
_entity.id
_entity.type
_entity.pdbx_description
1 polymer 'Arylamine N-acetyltransferase 2'
2 non-polymer 'SULFATE ION'
3 non-polymer 'COENZYME A'
4 non-polymer 'UNKNOWN ATOM OR ION'
5 water water
#
_entity_poly.entity_id   1
_entity_poly.type   'polypeptide(L)'
_entity_poly.pdbx_seq_one_letter_code
;GGSGSDIEAYFERIGYKNSRNKLDLETLTDILEHQIRAVPFENLNMHCGQAMELGLEAIFDHIVRRNRGGWCLQVNQLLY
WALTTIGFQTTMLGGYFYIPPVNKYSTGMVHLLLQVTIDGRNYIVDAGSGSSSQMWQPLELISGKDQPQVPCIFCLTEER
GIWYLDQIRREQYITNKEFLNSHLLPKKKHQKIYLFTLEPRTIEDFESMNTYLQTSPTSSFITTSFCSLQTPEGVYCLVG
FILTYRKFNYKDNTDLVEFKTLTEEEVEEVLKNIFKISLGRNLVPKPGDGSLTI
;
_entity_poly.pdbx_strand_id   A,B
#
# COMPACT_ATOMS: atom_id res chain seq x y z
N SER A 5 -36.63 0.07 -10.93
CA SER A 5 -36.21 1.18 -10.04
C SER A 5 -34.95 0.78 -9.26
N ASP A 6 -34.16 1.78 -8.93
CA ASP A 6 -32.91 1.58 -8.18
C ASP A 6 -33.10 0.92 -6.82
N ILE A 7 -34.12 1.34 -6.09
CA ILE A 7 -34.41 0.76 -4.77
C ILE A 7 -34.77 -0.73 -4.87
N GLU A 8 -35.51 -1.15 -5.92
CA GLU A 8 -35.85 -2.56 -6.10
C GLU A 8 -34.60 -3.37 -6.48
N ALA A 9 -33.73 -2.74 -7.26
CA ALA A 9 -32.43 -3.34 -7.61
C ALA A 9 -31.58 -3.58 -6.37
N TYR A 10 -31.55 -2.59 -5.47
CA TYR A 10 -30.82 -2.69 -4.21
C TYR A 10 -31.39 -3.84 -3.34
N PHE A 11 -32.72 -3.90 -3.24
CA PHE A 11 -33.36 -4.93 -2.41
C PHE A 11 -33.11 -6.34 -2.99
N GLU A 12 -33.07 -6.44 -4.34
CA GLU A 12 -32.74 -7.69 -5.03
C GLU A 12 -31.31 -8.12 -4.73
N ARG A 13 -30.41 -7.16 -4.77
CA ARG A 13 -29.00 -7.43 -4.50
C ARG A 13 -28.78 -7.92 -3.06
N ILE A 14 -29.53 -7.42 -2.08
CA ILE A 14 -29.42 -7.92 -0.71
C ILE A 14 -30.40 -9.05 -0.37
N GLY A 15 -31.21 -9.46 -1.33
CA GLY A 15 -32.15 -10.57 -1.10
C GLY A 15 -33.31 -10.25 -0.20
N TYR A 16 -33.66 -8.98 -0.09
CA TYR A 16 -34.72 -8.56 0.80
C TYR A 16 -36.05 -8.38 0.06
N LYS A 17 -37.12 -8.97 0.60
CA LYS A 17 -38.46 -8.85 0.01
C LYS A 17 -39.26 -7.78 0.78
N ASN A 18 -39.25 -6.54 0.28
CA ASN A 18 -39.99 -5.44 0.96
C ASN A 18 -41.50 -5.64 0.75
N SER A 19 -42.08 -6.53 1.56
CA SER A 19 -43.51 -6.87 1.46
C SER A 19 -44.32 -6.17 2.57
N ARG A 20 -43.79 -6.16 3.80
CA ARG A 20 -44.34 -5.31 4.87
C ARG A 20 -44.07 -3.83 4.54
N ASN A 21 -45.07 -2.99 4.72
CA ASN A 21 -44.95 -1.58 4.34
C ASN A 21 -44.28 -0.72 5.41
N LYS A 22 -44.04 -1.30 6.60
CA LYS A 22 -43.89 -0.53 7.85
C LYS A 22 -42.47 0.00 8.15
N LEU A 23 -42.41 1.24 8.61
CA LEU A 23 -41.11 1.88 8.90
C LEU A 23 -40.87 1.74 10.38
N ASP A 24 -40.62 0.50 10.80
CA ASP A 24 -40.44 0.15 12.19
C ASP A 24 -39.10 -0.57 12.43
N LEU A 25 -38.81 -0.93 13.66
CA LEU A 25 -37.52 -1.51 14.00
C LEU A 25 -37.30 -2.85 13.35
N GLU A 26 -38.39 -3.62 13.16
CA GLU A 26 -38.30 -4.95 12.56
C GLU A 26 -37.85 -4.82 11.13
N THR A 27 -38.41 -3.86 10.42
CA THR A 27 -38.04 -3.60 9.03
C THR A 27 -36.61 -3.09 8.93
N LEU A 28 -36.24 -2.11 9.76
CA LEU A 28 -34.88 -1.59 9.77
C LEU A 28 -33.88 -2.75 9.96
N THR A 29 -34.18 -3.59 10.96
CA THR A 29 -33.33 -4.73 11.39
C THR A 29 -33.16 -5.78 10.27
N ASP A 30 -34.27 -6.14 9.63
CA ASP A 30 -34.27 -7.02 8.47
C ASP A 30 -33.41 -6.50 7.31
N ILE A 31 -33.46 -5.19 7.03
CA ILE A 31 -32.65 -4.61 5.97
C ILE A 31 -31.16 -4.63 6.32
N LEU A 32 -30.83 -4.26 7.56
CA LEU A 32 -29.46 -4.29 8.06
C LEU A 32 -28.92 -5.71 7.98
N GLU A 33 -29.69 -6.67 8.49
CA GLU A 33 -29.28 -8.08 8.43
C GLU A 33 -29.04 -8.54 7.01
N HIS A 34 -29.98 -8.26 6.13
CA HIS A 34 -29.82 -8.58 4.72
C HIS A 34 -28.59 -7.95 4.09
N GLN A 35 -28.33 -6.67 4.32
CA GLN A 35 -27.17 -6.05 3.71
C GLN A 35 -25.84 -6.67 4.21
N ILE A 36 -25.69 -6.86 5.50
CA ILE A 36 -24.39 -7.33 6.05
C ILE A 36 -24.12 -8.83 5.68
N ARG A 37 -25.17 -9.52 5.30
CA ARG A 37 -25.10 -10.90 4.82
C ARG A 37 -24.93 -11.03 3.28
N ALA A 38 -25.03 -9.90 2.57
CA ALA A 38 -24.95 -9.88 1.10
C ALA A 38 -23.78 -9.06 0.59
N VAL A 39 -23.60 -7.88 1.18
CA VAL A 39 -22.62 -6.89 0.73
C VAL A 39 -21.39 -6.97 1.66
N PRO A 40 -20.28 -7.50 1.15
CA PRO A 40 -19.07 -7.67 1.94
C PRO A 40 -18.47 -6.33 2.29
N PHE A 41 -17.83 -6.25 3.45
CA PHE A 41 -16.86 -5.21 3.73
C PHE A 41 -15.64 -5.60 2.92
N GLU A 42 -15.18 -4.74 2.03
CA GLU A 42 -13.99 -5.02 1.21
C GLU A 42 -13.32 -3.76 0.69
N ASN A 43 -12.01 -3.88 0.44
CA ASN A 43 -11.16 -2.81 -0.13
C ASN A 43 -10.35 -3.33 -1.31
N LEU A 44 -10.84 -4.38 -1.98
CA LEU A 44 -10.05 -5.02 -3.04
C LEU A 44 -9.73 -4.14 -4.25
N ASN A 45 -10.56 -3.13 -4.53
CA ASN A 45 -10.23 -2.15 -5.61
C ASN A 45 -8.85 -1.54 -5.38
N MET A 46 -8.48 -1.32 -4.13
CA MET A 46 -7.22 -0.71 -3.78
C MET A 46 -6.03 -1.61 -4.09
N HIS A 47 -6.32 -2.88 -4.37
CA HIS A 47 -5.29 -3.91 -4.64
C HIS A 47 -5.38 -4.51 -6.04
N CYS A 48 -6.21 -3.92 -6.89
CA CYS A 48 -6.25 -4.29 -8.28
C CYS A 48 -6.29 -3.05 -9.23
N GLY A 49 -5.69 -1.93 -8.77
CA GLY A 49 -5.58 -0.73 -9.56
C GLY A 49 -6.91 -0.06 -9.92
N GLN A 50 -7.91 -0.16 -9.04
CA GLN A 50 -9.25 0.42 -9.31
C GLN A 50 -9.66 1.43 -8.21
N ALA A 51 -10.71 2.21 -8.49
CA ALA A 51 -11.05 3.39 -7.68
C ALA A 51 -11.76 3.03 -6.36
N MET A 52 -11.56 3.84 -5.31
CA MET A 52 -12.44 3.82 -4.08
C MET A 52 -13.26 5.11 -4.05
N GLU A 53 -14.26 5.15 -4.91
CA GLU A 53 -15.05 6.35 -5.09
C GLU A 53 -16.03 6.58 -3.96
N LEU A 54 -16.25 7.86 -3.65
CA LEU A 54 -17.18 8.27 -2.62
C LEU A 54 -18.56 8.64 -3.18
N GLY A 55 -18.67 8.80 -4.50
CA GLY A 55 -19.94 9.14 -5.15
C GLY A 55 -20.95 8.03 -5.06
N LEU A 56 -22.16 8.36 -4.61
CA LEU A 56 -23.23 7.38 -4.48
C LEU A 56 -23.52 6.63 -5.78
N GLU A 57 -23.57 7.33 -6.90
CA GLU A 57 -23.86 6.63 -8.17
C GLU A 57 -22.80 5.59 -8.50
N ALA A 58 -21.54 5.95 -8.38
CA ALA A 58 -20.45 5.00 -8.59
C ALA A 58 -20.54 3.80 -7.56
N ILE A 59 -20.90 4.08 -6.31
CA ILE A 59 -20.99 3.05 -5.29
C ILE A 59 -22.17 2.11 -5.62
N PHE A 60 -23.30 2.68 -6.01
CA PHE A 60 -24.48 1.91 -6.39
C PHE A 60 -24.14 0.95 -7.54
N ASP A 61 -23.49 1.44 -8.58
CA ASP A 61 -23.13 0.59 -9.73
CA ASP A 61 -23.16 0.60 -9.73
C ASP A 61 -22.22 -0.57 -9.31
N HIS A 62 -21.22 -0.26 -8.49
CA HIS A 62 -20.20 -1.22 -7.98
C HIS A 62 -20.82 -2.30 -7.10
N ILE A 63 -21.62 -1.86 -6.13
CA ILE A 63 -22.22 -2.79 -5.18
C ILE A 63 -23.45 -3.50 -5.75
N VAL A 64 -24.38 -2.74 -6.34
CA VAL A 64 -25.68 -3.29 -6.73
C VAL A 64 -25.59 -3.96 -8.09
N ARG A 65 -25.07 -3.26 -9.09
CA ARG A 65 -24.97 -3.79 -10.45
C ARG A 65 -23.79 -4.74 -10.65
N ARG A 66 -22.64 -4.49 -10.02
CA ARG A 66 -21.48 -5.41 -10.18
C ARG A 66 -21.25 -6.41 -9.02
N ASN A 67 -22.18 -6.43 -8.07
CA ASN A 67 -22.18 -7.36 -6.94
C ASN A 67 -20.90 -7.36 -6.11
N ARG A 68 -20.35 -6.15 -5.89
CA ARG A 68 -19.21 -5.95 -5.03
C ARG A 68 -19.63 -5.45 -3.64
N GLY A 69 -18.64 -5.25 -2.79
CA GLY A 69 -18.85 -4.66 -1.47
C GLY A 69 -18.09 -3.35 -1.37
N GLY A 70 -17.79 -2.90 -0.15
CA GLY A 70 -16.93 -1.71 0.01
C GLY A 70 -16.56 -1.54 1.45
N TRP A 71 -15.93 -0.41 1.77
CA TRP A 71 -15.63 -0.03 3.18
C TRP A 71 -16.71 0.92 3.71
N CYS A 72 -16.59 1.37 4.98
CA CYS A 72 -17.72 2.01 5.67
C CYS A 72 -18.33 3.19 4.89
N LEU A 73 -17.44 4.00 4.30
CA LEU A 73 -17.79 5.22 3.56
C LEU A 73 -18.63 4.93 2.34
N GLN A 74 -18.58 3.68 1.87
CA GLN A 74 -19.42 3.24 0.78
C GLN A 74 -20.66 2.48 1.20
N VAL A 75 -20.47 1.40 1.98
CA VAL A 75 -21.61 0.53 2.33
C VAL A 75 -22.67 1.22 3.21
N ASN A 76 -22.23 2.09 4.13
CA ASN A 76 -23.14 2.86 4.97
C ASN A 76 -23.79 4.01 4.22
N GLN A 77 -23.10 4.52 3.20
CA GLN A 77 -23.66 5.56 2.38
C GLN A 77 -24.77 4.97 1.49
N LEU A 78 -24.54 3.76 0.97
CA LEU A 78 -25.58 3.04 0.23
C LEU A 78 -26.76 2.74 1.11
N LEU A 79 -26.51 2.24 2.33
CA LEU A 79 -27.59 1.97 3.26
C LEU A 79 -28.35 3.28 3.62
N TYR A 80 -27.61 4.35 3.82
CA TYR A 80 -28.23 5.68 4.04
C TYR A 80 -29.24 6.01 2.95
N TRP A 81 -28.83 5.82 1.70
CA TRP A 81 -29.69 6.10 0.57
C TRP A 81 -30.94 5.23 0.55
N ALA A 82 -30.77 3.92 0.76
CA ALA A 82 -31.90 2.97 0.76
C ALA A 82 -32.89 3.31 1.86
N LEU A 83 -32.38 3.50 3.09
CA LEU A 83 -33.25 3.78 4.24
C LEU A 83 -33.98 5.12 4.07
N THR A 84 -33.26 6.14 3.58
CA THR A 84 -33.86 7.47 3.30
CA THR A 84 -33.90 7.44 3.37
C THR A 84 -34.94 7.36 2.24
N THR A 85 -34.62 6.63 1.17
CA THR A 85 -35.52 6.44 0.05
C THR A 85 -36.84 5.84 0.49
N ILE A 86 -36.81 4.86 1.38
CA ILE A 86 -38.05 4.23 1.80
C ILE A 86 -38.76 4.96 2.94
N GLY A 87 -38.10 5.94 3.54
CA GLY A 87 -38.76 6.88 4.41
C GLY A 87 -38.32 6.90 5.85
N PHE A 88 -37.25 6.19 6.18
CA PHE A 88 -36.71 6.24 7.55
C PHE A 88 -36.00 7.59 7.78
N GLN A 89 -36.19 8.20 8.95
CA GLN A 89 -35.41 9.37 9.40
C GLN A 89 -33.99 8.88 9.70
N THR A 90 -33.06 9.19 8.80
CA THR A 90 -31.69 8.65 8.82
C THR A 90 -30.71 9.80 8.79
N THR A 91 -29.64 9.68 9.58
CA THR A 91 -28.58 10.68 9.66
C THR A 91 -27.23 10.00 9.54
N MET A 92 -26.31 10.63 8.80
CA MET A 92 -24.91 10.22 8.80
C MET A 92 -24.17 10.83 9.98
N LEU A 93 -23.39 10.01 10.66
CA LEU A 93 -22.56 10.42 11.77
C LEU A 93 -21.13 10.03 11.49
N GLY A 94 -20.20 10.77 12.07
CA GLY A 94 -18.79 10.49 11.89
C GLY A 94 -18.13 9.96 13.14
N GLY A 95 -17.34 8.92 12.95
CA GLY A 95 -16.62 8.28 14.04
C GLY A 95 -15.13 8.23 13.81
N TYR A 96 -14.46 7.89 14.91
CA TYR A 96 -13.05 7.80 14.99
C TYR A 96 -12.73 6.41 15.48
N PHE A 97 -11.99 5.66 14.66
CA PHE A 97 -11.79 4.21 14.90
C PHE A 97 -10.70 3.96 15.93
N TYR A 98 -10.95 3.01 16.83
CA TYR A 98 -9.91 2.60 17.75
C TYR A 98 -8.79 1.88 17.01
N ILE A 99 -7.54 2.18 17.40
CA ILE A 99 -6.36 1.60 16.79
C ILE A 99 -5.59 0.72 17.83
N PRO A 100 -5.91 -0.59 17.89
CA PRO A 100 -5.34 -1.43 18.96
C PRO A 100 -3.79 -1.41 19.04
N PRO A 101 -3.07 -1.49 17.89
CA PRO A 101 -1.59 -1.40 17.95
C PRO A 101 -1.01 -0.23 18.74
N VAL A 102 -1.70 0.90 18.83
CA VAL A 102 -1.21 2.05 19.63
C VAL A 102 -2.10 2.47 20.82
N ASN A 103 -3.16 1.70 21.08
CA ASN A 103 -4.09 1.99 22.19
CA ASN A 103 -4.10 1.99 22.18
C ASN A 103 -4.63 3.43 22.15
N LYS A 104 -5.04 3.87 20.97
CA LYS A 104 -5.59 5.21 20.80
C LYS A 104 -6.67 5.19 19.73
N TYR A 105 -7.51 6.22 19.74
CA TYR A 105 -8.45 6.45 18.61
C TYR A 105 -7.80 7.28 17.51
N SER A 106 -8.27 7.08 16.27
CA SER A 106 -7.78 7.85 15.13
C SER A 106 -8.00 9.39 15.35
N THR A 107 -7.05 10.18 14.85
CA THR A 107 -7.18 11.62 14.75
C THR A 107 -8.26 12.03 13.74
N GLY A 108 -8.32 11.35 12.61
CA GLY A 108 -9.27 11.69 11.59
C GLY A 108 -10.60 10.99 11.79
N MET A 109 -11.65 11.61 11.26
CA MET A 109 -12.99 11.07 11.30
C MET A 109 -13.10 10.07 10.14
N VAL A 110 -12.53 8.90 10.36
CA VAL A 110 -12.34 7.91 9.29
C VAL A 110 -13.51 6.96 9.14
N HIS A 111 -14.50 7.07 10.01
CA HIS A 111 -15.61 6.14 10.01
C HIS A 111 -16.95 6.85 9.75
N LEU A 112 -17.74 6.29 8.85
CA LEU A 112 -19.12 6.70 8.64
C LEU A 112 -20.08 5.65 9.23
N LEU A 113 -20.99 6.12 10.07
CA LEU A 113 -22.05 5.27 10.65
C LEU A 113 -23.37 6.02 10.58
N LEU A 114 -24.47 5.33 10.88
CA LEU A 114 -25.79 5.93 10.74
C LEU A 114 -26.55 5.95 12.05
N GLN A 115 -27.48 6.91 12.15
CA GLN A 115 -28.48 6.93 13.20
C GLN A 115 -29.84 6.94 12.54
N VAL A 116 -30.72 6.08 13.02
CA VAL A 116 -32.07 6.02 12.53
C VAL A 116 -33.01 6.30 13.69
N THR A 117 -33.96 7.19 13.47
CA THR A 117 -34.88 7.57 14.52
C THR A 117 -36.30 7.09 14.17
N ILE A 118 -36.91 6.37 15.10
CA ILE A 118 -38.25 5.83 14.90
C ILE A 118 -39.09 6.21 16.09
N ASP A 119 -40.09 7.06 15.81
CA ASP A 119 -40.94 7.66 16.82
CA ASP A 119 -40.95 7.72 16.81
C ASP A 119 -40.15 8.13 18.05
N GLY A 120 -39.14 8.95 17.81
CA GLY A 120 -38.33 9.52 18.87
C GLY A 120 -37.21 8.66 19.40
N ARG A 121 -37.29 7.35 19.20
CA ARG A 121 -36.26 6.44 19.66
C ARG A 121 -35.08 6.42 18.66
N ASN A 122 -33.87 6.38 19.21
CA ASN A 122 -32.63 6.51 18.42
C ASN A 122 -31.93 5.14 18.35
N TYR A 123 -31.50 4.78 17.14
CA TYR A 123 -30.77 3.54 16.88
C TYR A 123 -29.56 3.88 16.07
N ILE A 124 -28.45 3.27 16.48
CA ILE A 124 -27.21 3.32 15.76
C ILE A 124 -27.16 2.09 14.83
N VAL A 125 -26.89 2.38 13.56
CA VAL A 125 -26.98 1.42 12.47
C VAL A 125 -25.67 1.55 11.66
N ASP A 126 -24.92 0.45 11.59
CA ASP A 126 -23.61 0.44 10.95
C ASP A 126 -23.46 -0.93 10.27
N ALA A 127 -23.45 -0.91 8.95
CA ALA A 127 -23.29 -2.10 8.13
C ALA A 127 -21.86 -2.26 7.64
N GLY A 128 -20.92 -1.47 8.21
CA GLY A 128 -19.54 -1.41 7.69
C GLY A 128 -18.44 -1.34 8.73
N SER A 129 -18.63 -2.02 9.87
CA SER A 129 -17.64 -2.04 10.99
C SER A 129 -16.49 -3.01 10.71
N GLY A 130 -16.78 -4.07 9.95
CA GLY A 130 -15.76 -5.04 9.59
C GLY A 130 -15.74 -6.26 10.50
N SER A 131 -15.59 -7.42 9.85
CA SER A 131 -15.36 -8.73 10.49
C SER A 131 -16.21 -8.96 11.74
N SER A 132 -15.60 -9.37 12.88
CA SER A 132 -16.34 -9.72 14.06
C SER A 132 -16.64 -8.51 15.01
N SER A 133 -16.45 -7.28 14.51
CA SER A 133 -16.92 -6.08 15.24
C SER A 133 -18.33 -5.62 14.77
N GLN A 134 -18.90 -6.36 13.83
CA GLN A 134 -20.12 -6.02 13.13
C GLN A 134 -21.39 -6.38 13.90
N MET A 135 -22.19 -5.37 14.20
CA MET A 135 -23.50 -5.56 14.76
C MET A 135 -24.39 -6.30 13.77
N TRP A 136 -25.29 -7.12 14.32
CA TRP A 136 -26.33 -7.81 13.51
C TRP A 136 -27.70 -7.15 13.60
N GLN A 137 -27.95 -6.49 14.71
CA GLN A 137 -29.16 -5.67 14.88
C GLN A 137 -28.76 -4.26 15.30
N PRO A 138 -29.63 -3.26 15.01
CA PRO A 138 -29.37 -1.87 15.42
C PRO A 138 -29.23 -1.78 16.93
N LEU A 139 -28.44 -0.84 17.40
CA LEU A 139 -28.19 -0.65 18.80
C LEU A 139 -28.98 0.59 19.26
N GLU A 140 -29.78 0.46 20.30
CA GLU A 140 -30.45 1.63 20.85
C GLU A 140 -29.45 2.51 21.56
N LEU A 141 -29.58 3.81 21.36
CA LEU A 141 -28.67 4.80 21.94
C LEU A 141 -29.00 5.01 23.43
N ILE A 142 -28.61 4.03 24.23
CA ILE A 142 -28.80 4.05 25.67
C ILE A 142 -27.48 3.74 26.33
N SER A 143 -26.89 4.75 26.96
CA SER A 143 -25.60 4.62 27.60
C SER A 143 -25.72 3.60 28.75
N GLY A 144 -24.70 2.74 28.85
CA GLY A 144 -24.61 1.74 29.92
C GLY A 144 -25.51 0.52 29.79
N LYS A 145 -26.35 0.41 28.76
CA LYS A 145 -27.22 -0.75 28.63
C LYS A 145 -26.47 -1.87 27.88
N ASP A 146 -26.40 -3.05 28.48
CA ASP A 146 -25.92 -4.27 27.78
C ASP A 146 -26.82 -4.57 26.60
N GLN A 147 -26.24 -4.81 25.42
CA GLN A 147 -27.00 -5.17 24.22
C GLN A 147 -26.43 -6.48 23.66
N PRO A 148 -26.81 -7.61 24.27
CA PRO A 148 -26.30 -8.88 23.77
C PRO A 148 -26.85 -9.21 22.38
N GLN A 149 -25.94 -9.63 21.51
CA GLN A 149 -26.27 -10.18 20.19
C GLN A 149 -25.46 -11.44 19.94
N VAL A 150 -25.71 -12.11 18.82
CA VAL A 150 -25.00 -13.34 18.55
C VAL A 150 -23.50 -13.11 18.49
N PRO A 151 -23.06 -12.04 17.78
CA PRO A 151 -21.59 -11.80 17.71
C PRO A 151 -20.83 -11.57 19.04
N CYS A 152 -21.50 -10.93 20.00
CA CYS A 152 -20.90 -10.37 21.23
C CYS A 152 -21.96 -9.53 21.93
N ILE A 153 -21.62 -9.03 23.12
CA ILE A 153 -22.38 -8.01 23.79
C ILE A 153 -21.83 -6.67 23.34
N PHE A 154 -22.69 -5.82 22.78
CA PHE A 154 -22.32 -4.47 22.45
C PHE A 154 -22.68 -3.52 23.60
N CYS A 155 -21.83 -2.50 23.80
CA CYS A 155 -22.04 -1.49 24.82
CA CYS A 155 -22.13 -1.45 24.80
C CYS A 155 -21.86 -0.11 24.17
N LEU A 156 -22.89 0.74 24.24
CA LEU A 156 -22.73 2.17 23.99
C LEU A 156 -22.63 2.88 25.34
N THR A 157 -21.60 3.71 25.48
CA THR A 157 -21.36 4.53 26.69
C THR A 157 -21.15 5.99 26.26
N GLU A 158 -21.68 6.94 27.02
CA GLU A 158 -21.44 8.37 26.78
C GLU A 158 -20.53 8.94 27.88
N GLU A 159 -19.48 9.61 27.49
CA GLU A 159 -18.63 10.36 28.42
C GLU A 159 -18.27 11.73 27.82
N ARG A 160 -18.59 12.81 28.56
CA ARG A 160 -18.19 14.18 28.16
C ARG A 160 -18.71 14.57 26.77
N GLY A 161 -19.93 14.11 26.44
CA GLY A 161 -20.57 14.39 25.16
C GLY A 161 -20.07 13.56 24.01
N ILE A 162 -19.23 12.57 24.28
CA ILE A 162 -18.73 11.66 23.26
C ILE A 162 -19.29 10.26 23.49
N TRP A 163 -19.69 9.61 22.39
CA TRP A 163 -20.30 8.27 22.47
C TRP A 163 -19.29 7.23 22.03
N TYR A 164 -19.25 6.10 22.77
CA TYR A 164 -18.24 5.04 22.59
C TYR A 164 -18.94 3.68 22.33
N LEU A 165 -18.53 3.02 21.27
CA LEU A 165 -19.02 1.68 20.99
C LEU A 165 -17.90 0.71 21.32
N ASP A 166 -18.23 -0.20 22.23
CA ASP A 166 -17.35 -1.30 22.69
C ASP A 166 -18.10 -2.60 22.53
N GLN A 167 -17.37 -3.70 22.55
CA GLN A 167 -17.95 -5.05 22.55
C GLN A 167 -17.26 -5.90 23.63
N ILE A 168 -17.99 -6.88 24.15
CA ILE A 168 -17.42 -7.93 24.98
C ILE A 168 -17.58 -9.25 24.22
N ARG A 169 -16.45 -9.79 23.81
CA ARG A 169 -16.38 -10.95 22.96
C ARG A 169 -16.22 -12.20 23.81
N ARG A 170 -16.62 -13.33 23.25
CA ARG A 170 -16.37 -14.65 23.85
C ARG A 170 -14.91 -15.08 23.76
N GLU A 171 -14.57 -16.12 24.51
CA GLU A 171 -13.33 -16.84 24.28
C GLU A 171 -13.36 -17.41 22.87
N GLN A 172 -12.16 -17.63 22.31
CA GLN A 172 -11.96 -18.11 20.96
C GLN A 172 -11.24 -19.46 20.97
N TYR A 173 -11.83 -20.46 20.34
CA TYR A 173 -11.16 -21.74 20.09
C TYR A 173 -10.66 -21.82 18.66
N ILE A 174 -9.35 -21.98 18.48
CA ILE A 174 -8.69 -21.94 17.17
C ILE A 174 -8.42 -23.37 16.71
N THR A 175 -8.98 -23.78 15.57
CA THR A 175 -8.90 -25.20 15.19
C THR A 175 -7.59 -25.56 14.45
N ASN A 176 -6.84 -24.55 13.99
CA ASN A 176 -5.56 -24.72 13.23
C ASN A 176 -4.42 -24.35 14.21
N LYS A 177 -3.68 -25.35 14.66
CA LYS A 177 -2.56 -25.15 15.62
C LYS A 177 -1.58 -24.08 15.16
N GLU A 178 -1.39 -23.99 13.84
CA GLU A 178 -0.48 -23.02 13.24
C GLU A 178 -0.92 -21.55 13.41
N PHE A 179 -2.17 -21.31 13.79
CA PHE A 179 -2.71 -19.91 13.89
C PHE A 179 -3.16 -19.54 15.30
N LEU A 180 -2.77 -20.36 16.29
CA LEU A 180 -3.20 -20.17 17.66
C LEU A 180 -2.89 -18.76 18.14
N ASN A 181 -1.77 -18.21 17.69
CA ASN A 181 -1.37 -16.85 18.08
C ASN A 181 -1.31 -15.86 16.90
N SER A 182 -2.15 -16.08 15.88
CA SER A 182 -2.18 -15.22 14.69
C SER A 182 -2.40 -13.78 15.10
N HIS A 183 -1.67 -12.87 14.45
CA HIS A 183 -1.90 -11.44 14.62
C HIS A 183 -3.25 -10.99 14.04
N LEU A 184 -3.95 -11.88 13.34
CA LEU A 184 -5.32 -11.59 12.90
C LEU A 184 -6.36 -11.64 14.03
N LEU A 185 -6.04 -12.31 15.16
CA LEU A 185 -7.02 -12.50 16.23
C LEU A 185 -7.08 -11.32 17.18
N PRO A 186 -8.30 -10.86 17.51
CA PRO A 186 -8.43 -9.90 18.58
C PRO A 186 -7.91 -10.54 19.87
N LYS A 187 -7.16 -9.76 20.63
CA LYS A 187 -6.42 -10.23 21.80
C LYS A 187 -7.31 -10.22 23.05
N LYS A 188 -7.99 -9.10 23.29
CA LYS A 188 -8.81 -8.89 24.48
C LYS A 188 -10.27 -9.23 24.26
N LYS A 189 -10.93 -9.64 25.34
CA LYS A 189 -12.36 -9.86 25.34
C LYS A 189 -13.10 -8.53 25.27
N HIS A 190 -12.63 -7.55 26.04
CA HIS A 190 -13.19 -6.19 26.03
C HIS A 190 -12.45 -5.36 24.98
N GLN A 191 -13.12 -5.06 23.86
CA GLN A 191 -12.55 -4.33 22.73
C GLN A 191 -13.32 -3.02 22.49
N LYS A 192 -12.58 -1.94 22.43
CA LYS A 192 -13.05 -0.66 21.93
C LYS A 192 -13.17 -0.76 20.44
N ILE A 193 -14.28 -0.30 19.88
CA ILE A 193 -14.45 -0.30 18.42
C ILE A 193 -14.25 1.11 17.85
N TYR A 194 -15.13 2.05 18.21
CA TYR A 194 -14.94 3.42 17.81
C TYR A 194 -15.65 4.39 18.74
N LEU A 195 -15.38 5.66 18.53
CA LEU A 195 -16.12 6.72 19.21
C LEU A 195 -16.71 7.68 18.16
N PHE A 196 -17.72 8.42 18.57
CA PHE A 196 -18.47 9.29 17.68
C PHE A 196 -19.25 10.32 18.45
N THR A 197 -19.88 11.23 17.69
CA THR A 197 -20.80 12.23 18.22
C THR A 197 -22.10 12.21 17.37
N LEU A 198 -23.14 12.84 17.91
CA LEU A 198 -24.44 12.91 17.28
C LEU A 198 -24.57 14.10 16.31
N GLU A 199 -23.48 14.80 16.03
CA GLU A 199 -23.54 15.91 15.02
C GLU A 199 -23.84 15.37 13.61
N PRO A 200 -24.94 15.83 13.00
CA PRO A 200 -25.25 15.37 11.66
C PRO A 200 -24.17 15.76 10.63
N ARG A 201 -23.87 14.81 9.73
CA ARG A 201 -22.88 14.97 8.70
C ARG A 201 -23.48 14.85 7.29
N THR A 202 -22.75 15.35 6.31
CA THR A 202 -23.05 15.03 4.92
C THR A 202 -21.90 14.22 4.41
N ILE A 203 -22.02 13.63 3.23
CA ILE A 203 -20.97 12.78 2.73
C ILE A 203 -19.70 13.62 2.38
N GLU A 204 -19.85 14.91 2.05
CA GLU A 204 -18.72 15.78 1.78
C GLU A 204 -17.78 15.94 2.96
N ASP A 205 -18.32 15.76 4.17
CA ASP A 205 -17.55 15.77 5.41
C ASP A 205 -16.53 14.61 5.47
N PHE A 206 -16.64 13.66 4.56
CA PHE A 206 -15.74 12.48 4.52
C PHE A 206 -14.83 12.45 3.31
N GLU A 207 -14.89 13.50 2.48
CA GLU A 207 -14.12 13.52 1.24
C GLU A 207 -12.60 13.53 1.51
N SER A 208 -12.17 14.37 2.45
CA SER A 208 -10.77 14.42 2.82
C SER A 208 -10.25 13.07 3.36
N MET A 209 -11.04 12.43 4.22
CA MET A 209 -10.66 11.12 4.76
C MET A 209 -10.72 9.99 3.71
N ASN A 210 -11.63 10.09 2.74
CA ASN A 210 -11.65 9.11 1.66
C ASN A 210 -10.31 9.07 0.91
N THR A 211 -9.76 10.26 0.65
CA THR A 211 -8.44 10.41 0.06
C THR A 211 -7.37 9.92 1.00
N TYR A 212 -7.42 10.36 2.25
CA TYR A 212 -6.43 9.97 3.25
C TYR A 212 -6.27 8.44 3.38
N LEU A 213 -7.39 7.74 3.43
CA LEU A 213 -7.40 6.31 3.61
C LEU A 213 -6.84 5.55 2.39
N GLN A 214 -6.82 6.21 1.23
CA GLN A 214 -6.20 5.69 0.03
C GLN A 214 -4.73 6.11 -0.17
N THR A 215 -4.22 7.07 0.62
CA THR A 215 -2.91 7.65 0.31
C THR A 215 -1.95 7.76 1.47
N SER A 216 -2.47 7.89 2.68
CA SER A 216 -1.62 8.12 3.85
C SER A 216 -0.81 6.87 4.13
N PRO A 217 0.49 7.05 4.52
CA PRO A 217 1.27 5.88 4.85
C PRO A 217 0.79 5.19 6.15
N THR A 218 -0.05 5.88 6.94
CA THR A 218 -0.63 5.32 8.14
C THR A 218 -1.83 4.40 7.83
N SER A 219 -2.37 4.43 6.61
CA SER A 219 -3.59 3.68 6.30
C SER A 219 -3.34 2.17 6.15
N SER A 220 -4.00 1.39 6.98
CA SER A 220 -3.83 -0.08 6.93
C SER A 220 -4.45 -0.66 5.67
N PHE A 221 -5.33 0.11 5.04
CA PHE A 221 -6.01 -0.35 3.81
C PHE A 221 -5.05 -0.42 2.63
N ILE A 222 -4.00 0.38 2.66
CA ILE A 222 -3.01 0.37 1.61
C ILE A 222 -2.16 -0.90 1.64
N THR A 223 -1.86 -1.38 2.83
CA THR A 223 -0.95 -2.51 2.97
C THR A 223 -1.68 -3.83 3.28
N THR A 224 -3.03 -3.84 3.27
CA THR A 224 -3.81 -5.03 3.67
C THR A 224 -4.99 -5.18 2.72
N SER A 225 -5.08 -6.33 2.06
CA SER A 225 -6.26 -6.68 1.29
C SER A 225 -7.20 -7.42 2.26
N PHE A 226 -8.44 -6.95 2.35
CA PHE A 226 -9.35 -7.36 3.41
C PHE A 226 -10.80 -7.50 2.86
N CYS A 227 -11.44 -8.63 3.15
CA CYS A 227 -12.88 -8.73 2.95
CA CYS A 227 -12.86 -8.88 2.85
C CYS A 227 -13.54 -9.56 4.03
N SER A 228 -14.71 -9.11 4.42
CA SER A 228 -15.50 -9.84 5.41
C SER A 228 -16.95 -9.91 5.00
N LEU A 229 -17.62 -10.97 5.43
CA LEU A 229 -19.06 -11.16 5.18
C LEU A 229 -19.69 -11.88 6.38
N GLN A 230 -20.85 -11.39 6.79
CA GLN A 230 -21.60 -12.04 7.83
C GLN A 230 -22.49 -13.16 7.27
N THR A 231 -22.78 -14.12 8.12
CA THR A 231 -23.71 -15.20 7.79
C THR A 231 -24.67 -15.28 8.98
N PRO A 232 -25.74 -16.09 8.89
CA PRO A 232 -26.61 -16.25 10.04
C PRO A 232 -25.97 -16.93 11.28
N GLU A 233 -24.78 -17.52 11.15
CA GLU A 233 -24.08 -18.17 12.29
C GLU A 233 -22.68 -17.66 12.60
N GLY A 234 -22.15 -16.80 11.75
CA GLY A 234 -20.75 -16.46 11.83
C GLY A 234 -20.28 -15.42 10.87
N VAL A 235 -18.98 -15.45 10.61
CA VAL A 235 -18.28 -14.41 9.85
CA VAL A 235 -18.38 -14.46 9.76
C VAL A 235 -17.19 -15.06 9.01
N TYR A 236 -17.18 -14.79 7.70
CA TYR A 236 -16.05 -15.10 6.85
C TYR A 236 -15.16 -13.86 6.76
N CYS A 237 -13.84 -14.04 6.85
CA CYS A 237 -12.94 -12.93 6.65
CA CYS A 237 -12.87 -12.93 6.69
C CYS A 237 -11.66 -13.42 5.97
N LEU A 238 -11.32 -12.78 4.85
CA LEU A 238 -10.08 -13.06 4.08
C LEU A 238 -9.13 -11.85 4.25
N VAL A 239 -7.94 -12.08 4.82
CA VAL A 239 -6.97 -11.02 5.02
C VAL A 239 -5.71 -11.51 4.30
N GLY A 240 -5.40 -10.86 3.18
CA GLY A 240 -4.37 -11.33 2.26
C GLY A 240 -4.71 -12.70 1.73
N PHE A 241 -3.86 -13.67 2.07
CA PHE A 241 -4.03 -15.09 1.66
C PHE A 241 -4.68 -15.99 2.73
N ILE A 242 -4.97 -15.41 3.90
CA ILE A 242 -5.49 -16.14 5.05
C ILE A 242 -7.02 -16.02 5.14
N LEU A 243 -7.70 -17.11 4.79
CA LEU A 243 -9.13 -17.27 4.93
C LEU A 243 -9.50 -17.78 6.31
N THR A 244 -10.42 -17.07 6.96
CA THR A 244 -10.98 -17.46 8.27
C THR A 244 -12.50 -17.55 8.24
N TYR A 245 -13.02 -18.53 8.95
CA TYR A 245 -14.43 -18.64 9.28
C TYR A 245 -14.58 -18.75 10.79
N ARG A 246 -15.47 -17.93 11.34
CA ARG A 246 -15.77 -17.92 12.74
C ARG A 246 -17.21 -18.31 12.92
N LYS A 247 -17.43 -19.34 13.72
CA LYS A 247 -18.75 -19.72 14.18
C LYS A 247 -18.99 -19.16 15.55
N PHE A 248 -19.97 -18.28 15.68
CA PHE A 248 -20.23 -17.70 16.99
C PHE A 248 -20.83 -18.72 17.94
N ASN A 249 -20.40 -18.67 19.19
CA ASN A 249 -21.06 -19.43 20.24
C ASN A 249 -21.14 -20.92 19.89
N TYR A 250 -20.00 -21.47 19.48
CA TYR A 250 -19.91 -22.85 19.07
C TYR A 250 -20.29 -23.81 20.21
N LYS A 251 -19.71 -23.61 21.37
CA LYS A 251 -20.14 -24.35 22.55
C LYS A 251 -19.50 -23.72 23.74
N ASP A 252 -20.18 -23.79 24.90
CA ASP A 252 -19.61 -23.30 26.18
C ASP A 252 -19.24 -21.83 26.09
N ASN A 253 -20.13 -21.07 25.48
CA ASN A 253 -19.91 -19.62 25.30
C ASN A 253 -18.47 -19.29 24.78
N THR A 254 -18.10 -20.04 23.74
CA THR A 254 -16.82 -19.93 23.07
C THR A 254 -17.08 -19.85 21.56
N ASP A 255 -16.33 -18.99 20.87
CA ASP A 255 -16.37 -18.95 19.40
C ASP A 255 -15.39 -19.99 18.84
N LEU A 256 -15.68 -20.52 17.65
CA LEU A 256 -14.75 -21.43 16.94
C LEU A 256 -14.22 -20.71 15.71
N VAL A 257 -12.90 -20.77 15.49
CA VAL A 257 -12.28 -20.08 14.36
C VAL A 257 -11.40 -21.01 13.55
N GLU A 258 -11.72 -21.11 12.24
CA GLU A 258 -10.96 -21.89 11.30
C GLU A 258 -10.09 -21.02 10.48
N PHE A 259 -8.90 -21.48 10.16
CA PHE A 259 -7.95 -20.72 9.33
C PHE A 259 -7.43 -21.60 8.19
N LYS A 260 -7.25 -21.01 7.04
CA LYS A 260 -6.59 -21.71 5.93
C LYS A 260 -5.78 -20.72 5.13
N THR A 261 -4.51 -21.06 4.82
CA THR A 261 -3.70 -20.26 3.88
C THR A 261 -4.01 -20.65 2.46
N LEU A 262 -4.42 -19.67 1.67
CA LEU A 262 -4.75 -19.89 0.27
C LEU A 262 -3.58 -19.66 -0.63
N THR A 263 -3.56 -20.39 -1.73
CA THR A 263 -2.65 -20.11 -2.83
C THR A 263 -3.18 -18.91 -3.62
N GLU A 264 -2.35 -18.32 -4.44
CA GLU A 264 -2.79 -17.23 -5.30
C GLU A 264 -3.98 -17.69 -6.13
N GLU A 265 -3.84 -18.88 -6.73
CA GLU A 265 -4.91 -19.48 -7.56
C GLU A 265 -6.25 -19.71 -6.79
N GLU A 266 -6.17 -20.06 -5.51
CA GLU A 266 -7.38 -20.28 -4.69
C GLU A 266 -8.11 -19.00 -4.28
N VAL A 267 -7.41 -17.86 -4.27
CA VAL A 267 -8.03 -16.58 -3.83
C VAL A 267 -9.24 -16.26 -4.71
N GLU A 268 -9.06 -16.38 -6.04
CA GLU A 268 -10.11 -16.03 -6.99
C GLU A 268 -11.37 -16.86 -6.78
N GLU A 269 -11.18 -18.15 -6.53
CA GLU A 269 -12.28 -19.08 -6.31
C GLU A 269 -13.01 -18.79 -5.00
N VAL A 270 -12.25 -18.51 -3.93
CA VAL A 270 -12.79 -18.15 -2.65
C VAL A 270 -13.59 -16.84 -2.76
N LEU A 271 -13.03 -15.84 -3.43
CA LEU A 271 -13.75 -14.59 -3.62
C LEU A 271 -15.11 -14.81 -4.29
N LYS A 272 -15.12 -15.62 -5.34
CA LYS A 272 -16.35 -15.98 -6.06
C LYS A 272 -17.39 -16.72 -5.20
N ASN A 273 -16.98 -17.79 -4.56
CA ASN A 273 -17.88 -18.74 -3.92
C ASN A 273 -18.34 -18.35 -2.51
N ILE A 274 -17.43 -17.77 -1.73
CA ILE A 274 -17.73 -17.27 -0.38
CA ILE A 274 -17.79 -17.29 -0.38
C ILE A 274 -18.31 -15.84 -0.42
N PHE A 275 -17.59 -14.93 -1.08
CA PHE A 275 -17.94 -13.50 -1.02
C PHE A 275 -18.79 -12.98 -2.19
N LYS A 276 -18.93 -13.81 -3.23
CA LYS A 276 -19.65 -13.41 -4.45
C LYS A 276 -19.00 -12.19 -5.11
N ILE A 277 -17.66 -12.14 -5.03
CA ILE A 277 -16.89 -11.08 -5.63
C ILE A 277 -16.17 -11.63 -6.84
N SER A 278 -16.33 -10.94 -7.96
CA SER A 278 -15.52 -11.16 -9.17
C SER A 278 -14.86 -9.86 -9.52
N LEU A 279 -13.55 -9.91 -9.67
CA LEU A 279 -12.75 -8.76 -9.97
C LEU A 279 -12.46 -8.73 -11.48
N GLY A 280 -12.46 -7.54 -12.03
CA GLY A 280 -12.19 -7.34 -13.47
C GLY A 280 -10.71 -7.15 -13.79
N ARG A 281 -9.87 -6.98 -12.77
CA ARG A 281 -8.42 -6.85 -12.97
C ARG A 281 -7.69 -7.78 -12.02
N ASN A 282 -6.38 -7.92 -12.24
CA ASN A 282 -5.54 -8.77 -11.43
CA ASN A 282 -5.52 -8.76 -11.42
C ASN A 282 -5.41 -8.21 -10.01
N LEU A 283 -5.59 -9.08 -9.02
CA LEU A 283 -5.47 -8.70 -7.63
C LEU A 283 -4.06 -9.00 -7.13
N VAL A 284 -3.51 -8.12 -6.32
CA VAL A 284 -2.26 -8.40 -5.57
C VAL A 284 -2.61 -8.45 -4.07
N PRO A 285 -2.89 -9.67 -3.55
CA PRO A 285 -3.23 -9.73 -2.14
C PRO A 285 -2.04 -9.34 -1.25
N LYS A 286 -2.34 -8.72 -0.12
CA LYS A 286 -1.34 -8.28 0.86
C LYS A 286 -1.75 -8.67 2.26
N PRO A 287 -0.81 -9.29 3.02
CA PRO A 287 -1.11 -9.85 4.34
C PRO A 287 -1.42 -8.86 5.45
N GLY A 288 -0.83 -7.68 5.39
CA GLY A 288 -0.95 -6.70 6.44
C GLY A 288 -0.02 -6.99 7.59
N ASP A 289 -0.13 -6.19 8.64
CA ASP A 289 0.74 -6.27 9.81
C ASP A 289 -0.05 -6.47 11.13
N GLY A 290 -1.25 -7.02 11.00
CA GLY A 290 -2.12 -7.27 12.15
C GLY A 290 -2.94 -6.09 12.58
N SER A 291 -2.96 -5.03 11.77
CA SER A 291 -3.73 -3.84 12.06
C SER A 291 -5.25 -4.06 11.87
N LEU A 292 -5.62 -4.88 10.90
CA LEU A 292 -7.02 -5.20 10.64
C LEU A 292 -7.25 -6.65 11.10
N THR A 293 -8.02 -6.80 12.18
CA THR A 293 -8.28 -8.11 12.78
C THR A 293 -9.60 -8.70 12.26
N ILE A 294 -9.70 -10.02 12.39
CA ILE A 294 -10.94 -10.72 12.11
C ILE A 294 -11.89 -10.57 13.29
N SER B 5 20.77 -5.29 -32.52
CA SER B 5 19.31 -5.57 -32.70
C SER B 5 18.52 -5.14 -31.43
N ASP B 6 18.13 -6.11 -30.58
CA ASP B 6 17.70 -5.78 -29.19
C ASP B 6 18.71 -4.88 -28.49
N ILE B 7 19.99 -5.29 -28.59
CA ILE B 7 21.09 -4.54 -28.04
C ILE B 7 21.19 -3.15 -28.65
N GLU B 8 20.96 -3.05 -29.97
CA GLU B 8 20.94 -1.74 -30.63
C GLU B 8 19.78 -0.88 -30.10
N ALA B 9 18.61 -1.51 -29.98
CA ALA B 9 17.41 -0.89 -29.36
C ALA B 9 17.76 -0.35 -27.98
N TYR B 10 18.36 -1.21 -27.16
CA TYR B 10 18.86 -0.78 -25.84
C TYR B 10 19.71 0.48 -25.96
N PHE B 11 20.75 0.38 -26.80
CA PHE B 11 21.70 1.50 -26.95
C PHE B 11 21.03 2.75 -27.49
N GLU B 12 20.10 2.56 -28.43
CA GLU B 12 19.17 3.63 -28.88
C GLU B 12 18.40 4.21 -27.70
N ARG B 13 17.79 3.32 -26.91
CA ARG B 13 17.05 3.71 -25.68
C ARG B 13 17.91 4.58 -24.74
N ILE B 14 19.17 4.18 -24.51
CA ILE B 14 20.01 4.93 -23.55
C ILE B 14 20.80 6.09 -24.20
N GLY B 15 20.67 6.20 -25.53
CA GLY B 15 21.25 7.32 -26.31
C GLY B 15 22.76 7.23 -26.50
N TYR B 16 23.23 6.01 -26.84
CA TYR B 16 24.66 5.69 -26.83
C TYR B 16 25.06 4.90 -28.09
N LYS B 17 26.16 5.32 -28.75
CA LYS B 17 26.66 4.66 -29.98
C LYS B 17 27.95 3.87 -29.68
N ASN B 18 27.93 2.57 -29.97
CA ASN B 18 29.02 1.66 -29.55
C ASN B 18 30.33 1.95 -30.28
N LYS B 22 35.77 -1.97 -27.54
CA LYS B 22 36.64 -1.98 -26.37
C LYS B 22 35.87 -2.32 -25.07
N LEU B 23 36.13 -3.52 -24.56
CA LEU B 23 35.62 -3.99 -23.25
C LEU B 23 36.52 -3.55 -22.10
N ASP B 24 36.55 -2.24 -21.86
CA ASP B 24 37.36 -1.60 -20.83
C ASP B 24 36.53 -0.73 -19.88
N LEU B 25 37.20 -0.13 -18.89
CA LEU B 25 36.51 0.66 -17.86
C LEU B 25 35.86 1.94 -18.44
N GLU B 26 36.51 2.57 -19.44
CA GLU B 26 35.96 3.77 -20.09
C GLU B 26 34.58 3.47 -20.69
N THR B 27 34.47 2.34 -21.37
CA THR B 27 33.25 1.90 -22.04
C THR B 27 32.16 1.52 -21.04
N LEU B 28 32.54 0.72 -20.04
CA LEU B 28 31.64 0.38 -18.93
C LEU B 28 31.08 1.62 -18.29
N THR B 29 31.96 2.56 -18.00
CA THR B 29 31.61 3.81 -17.37
C THR B 29 30.63 4.61 -18.26
N ASP B 30 30.93 4.64 -19.56
CA ASP B 30 30.07 5.23 -20.63
C ASP B 30 28.62 4.72 -20.53
N ILE B 31 28.48 3.41 -20.64
CA ILE B 31 27.18 2.75 -20.68
C ILE B 31 26.37 2.99 -19.40
N LEU B 32 27.05 2.91 -18.24
CA LEU B 32 26.41 3.16 -16.95
C LEU B 32 25.91 4.59 -16.89
N GLU B 33 26.75 5.54 -17.31
CA GLU B 33 26.38 6.96 -17.29
C GLU B 33 25.15 7.23 -18.16
N HIS B 34 25.10 6.55 -19.30
CA HIS B 34 24.00 6.71 -20.24
C HIS B 34 22.71 6.07 -19.72
N GLN B 35 22.79 4.83 -19.23
CA GLN B 35 21.59 4.21 -18.67
C GLN B 35 20.97 5.01 -17.51
N ILE B 36 21.79 5.50 -16.59
CA ILE B 36 21.26 6.23 -15.42
C ILE B 36 20.74 7.65 -15.77
N ARG B 37 21.13 8.16 -16.95
CA ARG B 37 20.66 9.46 -17.44
C ARG B 37 19.41 9.33 -18.33
N ALA B 38 19.20 8.11 -18.83
CA ALA B 38 18.10 7.77 -19.70
C ALA B 38 16.98 7.10 -18.88
N VAL B 39 17.33 6.02 -18.19
CA VAL B 39 16.36 5.13 -17.56
C VAL B 39 16.13 5.50 -16.09
N PRO B 40 14.91 5.97 -15.78
CA PRO B 40 14.62 6.37 -14.42
C PRO B 40 14.54 5.16 -13.47
N PHE B 41 14.92 5.41 -12.22
CA PHE B 41 14.56 4.45 -11.17
C PHE B 41 13.10 4.81 -10.89
N GLU B 42 12.21 3.83 -11.04
CA GLU B 42 10.79 4.02 -10.69
C GLU B 42 10.02 2.75 -10.26
N ASN B 43 8.95 2.97 -9.48
CA ASN B 43 7.99 1.90 -9.12
C ASN B 43 6.54 2.26 -9.49
N LEU B 44 6.36 3.13 -10.46
CA LEU B 44 5.02 3.70 -10.74
C LEU B 44 3.95 2.67 -11.15
N ASN B 45 4.36 1.54 -11.72
CA ASN B 45 3.42 0.45 -12.02
C ASN B 45 2.65 -0.05 -10.81
N MET B 46 3.31 -0.04 -9.64
CA MET B 46 2.71 -0.51 -8.40
C MET B 46 1.63 0.44 -7.92
N HIS B 47 1.55 1.63 -8.54
CA HIS B 47 0.62 2.67 -8.15
C HIS B 47 -0.39 3.03 -9.25
N CYS B 48 -0.41 2.24 -10.30
CA CYS B 48 -1.42 2.36 -11.34
C CYS B 48 -1.87 0.98 -11.78
N GLY B 49 -1.87 0.02 -10.84
CA GLY B 49 -2.45 -1.29 -11.07
C GLY B 49 -1.74 -2.18 -12.08
N GLN B 50 -0.44 -1.96 -12.28
CA GLN B 50 0.30 -2.73 -13.30
C GLN B 50 1.43 -3.58 -12.69
N ALA B 51 1.96 -4.51 -13.48
CA ALA B 51 2.85 -5.56 -12.99
C ALA B 51 4.28 -5.05 -12.69
N MET B 52 4.97 -5.74 -11.79
CA MET B 52 6.40 -5.50 -11.52
C MET B 52 7.13 -6.79 -11.82
N GLU B 53 7.17 -7.11 -13.10
CA GLU B 53 7.70 -8.37 -13.58
C GLU B 53 9.22 -8.50 -13.38
N LEU B 54 9.67 -9.72 -13.06
CA LEU B 54 11.12 -10.04 -12.90
C LEU B 54 11.71 -10.66 -14.18
N GLY B 55 10.86 -11.11 -15.10
CA GLY B 55 11.29 -11.72 -16.36
C GLY B 55 11.93 -10.70 -17.28
N LEU B 56 13.09 -11.05 -17.85
CA LEU B 56 13.89 -10.13 -18.65
C LEU B 56 13.14 -9.58 -19.89
N GLU B 57 12.39 -10.45 -20.56
CA GLU B 57 11.61 -10.06 -21.75
C GLU B 57 10.64 -8.94 -21.41
N ALA B 58 9.86 -9.17 -20.33
CA ALA B 58 8.91 -8.18 -19.85
C ALA B 58 9.60 -6.86 -19.53
N ILE B 59 10.79 -6.95 -18.90
CA ILE B 59 11.53 -5.75 -18.49
C ILE B 59 12.04 -5.01 -19.73
N PHE B 60 12.54 -5.77 -20.69
CA PHE B 60 13.03 -5.16 -21.94
C PHE B 60 11.90 -4.43 -22.68
N ASP B 61 10.77 -5.12 -22.90
CA ASP B 61 9.56 -4.44 -23.48
C ASP B 61 9.21 -3.14 -22.74
N HIS B 62 9.18 -3.21 -21.42
CA HIS B 62 8.87 -2.06 -20.56
C HIS B 62 9.86 -0.87 -20.65
N ILE B 63 11.15 -1.18 -20.51
CA ILE B 63 12.16 -0.14 -20.45
C ILE B 63 12.57 0.32 -21.87
N VAL B 64 12.83 -0.62 -22.76
CA VAL B 64 13.39 -0.24 -24.08
C VAL B 64 12.27 0.20 -25.05
N ARG B 65 11.24 -0.61 -25.17
CA ARG B 65 10.14 -0.37 -26.11
C ARG B 65 9.10 0.65 -25.64
N ARG B 66 8.85 0.72 -24.32
CA ARG B 66 7.81 1.62 -23.79
C ARG B 66 8.40 2.84 -23.08
N ASN B 67 9.74 2.94 -23.10
CA ASN B 67 10.48 4.08 -22.54
C ASN B 67 10.18 4.36 -21.06
N ARG B 68 10.10 3.29 -20.28
CA ARG B 68 9.86 3.39 -18.84
C ARG B 68 11.14 3.10 -18.03
N GLY B 69 11.04 3.19 -16.71
CA GLY B 69 12.12 2.74 -15.82
C GLY B 69 11.80 1.46 -15.07
N GLY B 70 12.42 1.31 -13.90
CA GLY B 70 12.20 0.12 -13.09
C GLY B 70 12.95 0.29 -11.77
N TRP B 71 12.78 -0.65 -10.87
CA TRP B 71 13.60 -0.67 -9.66
C TRP B 71 14.86 -1.54 -9.91
N CYS B 72 15.74 -1.71 -8.90
CA CYS B 72 17.03 -2.40 -9.05
C CYS B 72 16.93 -3.78 -9.69
N LEU B 73 15.96 -4.57 -9.24
CA LEU B 73 15.77 -5.92 -9.76
C LEU B 73 15.46 -5.93 -11.27
N GLN B 74 15.02 -4.79 -11.81
CA GLN B 74 14.76 -4.68 -13.23
C GLN B 74 15.89 -3.95 -13.97
N VAL B 75 16.23 -2.74 -13.55
CA VAL B 75 17.23 -1.93 -14.28
C VAL B 75 18.64 -2.54 -14.28
N ASN B 76 19.02 -3.22 -13.18
CA ASN B 76 20.35 -3.89 -13.11
C ASN B 76 20.33 -5.22 -13.79
N GLN B 77 19.15 -5.84 -13.89
CA GLN B 77 19.01 -7.06 -14.68
C GLN B 77 19.08 -6.74 -16.20
N LEU B 78 18.50 -5.60 -16.60
CA LEU B 78 18.64 -5.08 -17.98
C LEU B 78 20.12 -4.73 -18.29
N LEU B 79 20.73 -3.96 -17.40
CA LEU B 79 22.16 -3.61 -17.54
C LEU B 79 23.05 -4.86 -17.57
N TYR B 80 22.75 -5.84 -16.71
CA TYR B 80 23.43 -7.13 -16.73
C TYR B 80 23.39 -7.77 -18.10
N TRP B 81 22.17 -7.81 -18.66
CA TRP B 81 21.95 -8.37 -20.00
C TRP B 81 22.77 -7.65 -21.10
N ALA B 82 22.75 -6.31 -21.09
CA ALA B 82 23.48 -5.52 -22.09
C ALA B 82 24.99 -5.71 -21.98
N LEU B 83 25.52 -5.75 -20.75
CA LEU B 83 26.98 -5.87 -20.53
C LEU B 83 27.51 -7.23 -20.92
N THR B 84 26.77 -8.28 -20.57
CA THR B 84 27.13 -9.66 -20.90
CA THR B 84 27.17 -9.64 -20.92
C THR B 84 27.04 -9.87 -22.41
N THR B 85 26.05 -9.21 -23.03
CA THR B 85 25.82 -9.34 -24.47
C THR B 85 27.04 -8.86 -25.25
N ILE B 86 27.47 -7.65 -24.97
CA ILE B 86 28.62 -7.07 -25.65
C ILE B 86 29.98 -7.72 -25.22
N GLY B 87 30.02 -8.38 -24.07
CA GLY B 87 31.16 -9.24 -23.72
C GLY B 87 31.81 -9.09 -22.35
N PHE B 88 31.36 -8.13 -21.53
CA PHE B 88 31.95 -7.98 -20.19
C PHE B 88 31.71 -9.23 -19.30
N GLN B 89 32.70 -9.58 -18.45
CA GLN B 89 32.49 -10.61 -17.43
C GLN B 89 31.67 -9.93 -16.30
N THR B 90 30.42 -10.35 -16.17
CA THR B 90 29.45 -9.67 -15.32
C THR B 90 28.81 -10.71 -14.40
N THR B 91 28.63 -10.36 -13.12
CA THR B 91 28.02 -11.26 -12.16
C THR B 91 27.05 -10.49 -11.29
N MET B 92 25.90 -11.11 -11.02
CA MET B 92 24.90 -10.54 -10.12
C MET B 92 25.27 -10.86 -8.68
N LEU B 93 25.20 -9.83 -7.87
CA LEU B 93 25.39 -9.93 -6.42
C LEU B 93 24.12 -9.49 -5.72
N GLY B 94 23.93 -9.99 -4.50
CA GLY B 94 22.79 -9.58 -3.64
C GLY B 94 23.17 -8.63 -2.53
N GLY B 95 22.38 -7.58 -2.35
CA GLY B 95 22.53 -6.67 -1.26
C GLY B 95 21.33 -6.53 -0.34
N TYR B 96 21.59 -5.84 0.76
CA TYR B 96 20.66 -5.61 1.89
C TYR B 96 20.71 -4.15 2.17
N PHE B 97 19.57 -3.47 1.98
CA PHE B 97 19.55 -2.02 2.06
C PHE B 97 19.56 -1.48 3.48
N TYR B 98 20.27 -0.38 3.70
CA TYR B 98 20.17 0.32 4.96
C TYR B 98 18.77 0.95 5.07
N ILE B 99 18.24 0.97 6.27
CA ILE B 99 16.92 1.49 6.57
C ILE B 99 17.06 2.60 7.62
N PRO B 100 17.25 3.85 7.14
CA PRO B 100 17.51 4.94 8.06
C PRO B 100 16.49 5.06 9.24
N PRO B 101 15.17 4.96 8.95
CA PRO B 101 14.20 5.07 10.07
C PRO B 101 14.46 4.18 11.32
N VAL B 102 15.03 2.99 11.13
CA VAL B 102 15.29 2.06 12.24
C VAL B 102 16.80 1.82 12.50
N ASN B 103 17.65 2.53 11.77
CA ASN B 103 19.10 2.40 11.88
CA ASN B 103 19.13 2.39 11.87
C ASN B 103 19.60 0.93 11.78
N LYS B 104 19.03 0.18 10.84
CA LYS B 104 19.43 -1.22 10.55
C LYS B 104 19.51 -1.47 9.04
N TYR B 105 20.23 -2.51 8.67
CA TYR B 105 20.13 -3.06 7.33
C TYR B 105 19.01 -4.09 7.28
N SER B 106 18.41 -4.18 6.11
CA SER B 106 17.33 -5.11 5.87
C SER B 106 17.75 -6.57 6.11
N THR B 107 16.80 -7.33 6.68
CA THR B 107 16.88 -8.78 6.79
C THR B 107 16.90 -9.44 5.44
N GLY B 108 16.05 -8.95 4.54
CA GLY B 108 15.90 -9.51 3.20
C GLY B 108 16.99 -9.02 2.25
N MET B 109 17.37 -9.88 1.32
CA MET B 109 18.31 -9.54 0.27
C MET B 109 17.51 -8.84 -0.85
N VAL B 110 17.16 -7.58 -0.57
CA VAL B 110 16.21 -6.83 -1.37
C VAL B 110 16.81 -6.11 -2.58
N HIS B 111 18.13 -6.18 -2.72
CA HIS B 111 18.86 -5.38 -3.73
C HIS B 111 19.71 -6.26 -4.67
N LEU B 112 19.62 -5.96 -5.97
CA LEU B 112 20.40 -6.58 -7.02
C LEU B 112 21.44 -5.55 -7.47
N LEU B 113 22.72 -5.95 -7.46
CA LEU B 113 23.79 -5.13 -8.03
C LEU B 113 24.69 -6.01 -8.85
N LEU B 114 25.63 -5.40 -9.58
CA LEU B 114 26.50 -6.16 -10.47
C LEU B 114 27.94 -5.99 -10.10
N GLN B 115 28.72 -7.00 -10.46
CA GLN B 115 30.16 -6.96 -10.40
C GLN B 115 30.70 -7.24 -11.80
N VAL B 116 31.51 -6.31 -12.31
CA VAL B 116 32.23 -6.50 -13.60
C VAL B 116 33.74 -6.68 -13.32
N THR B 117 34.33 -7.69 -13.94
CA THR B 117 35.77 -8.00 -13.81
C THR B 117 36.43 -7.73 -15.18
N ILE B 118 37.43 -6.85 -15.17
CA ILE B 118 38.23 -6.50 -16.36
C ILE B 118 39.72 -6.78 -16.04
N ASP B 119 40.29 -7.78 -16.68
CA ASP B 119 41.72 -8.14 -16.50
C ASP B 119 42.02 -8.32 -15.02
N GLY B 120 41.17 -9.06 -14.33
CA GLY B 120 41.35 -9.35 -12.93
C GLY B 120 40.88 -8.32 -11.97
N ARG B 121 40.65 -7.09 -12.44
CA ARG B 121 40.23 -6.02 -11.58
C ARG B 121 38.69 -6.09 -11.42
N ASN B 122 38.22 -5.75 -10.23
CA ASN B 122 36.79 -5.83 -9.81
C ASN B 122 36.12 -4.47 -9.69
N TYR B 123 34.95 -4.33 -10.36
CA TYR B 123 34.19 -3.11 -10.28
C TYR B 123 32.76 -3.41 -9.85
N ILE B 124 32.24 -2.62 -8.95
CA ILE B 124 30.83 -2.69 -8.55
C ILE B 124 30.07 -1.69 -9.43
N VAL B 125 29.02 -2.20 -10.05
CA VAL B 125 28.19 -1.50 -11.03
C VAL B 125 26.69 -1.61 -10.59
N ASP B 126 26.10 -0.47 -10.37
CA ASP B 126 24.72 -0.39 -9.90
C ASP B 126 24.07 0.86 -10.55
N ALA B 127 23.11 0.59 -11.42
CA ALA B 127 22.31 1.63 -12.06
C ALA B 127 20.95 1.85 -11.39
N GLY B 128 20.80 1.34 -10.17
CA GLY B 128 19.49 1.20 -9.56
C GLY B 128 19.39 1.45 -8.09
N SER B 129 20.27 2.31 -7.57
CA SER B 129 20.32 2.65 -6.15
C SER B 129 19.29 3.68 -5.76
N GLY B 130 18.80 4.44 -6.76
CA GLY B 130 17.83 5.53 -6.54
C GLY B 130 18.41 6.88 -6.16
N SER B 131 17.79 7.95 -6.71
CA SER B 131 18.02 9.36 -6.28
C SER B 131 19.50 9.79 -6.01
N SER B 132 19.81 10.49 -4.91
CA SER B 132 21.19 10.96 -4.67
C SER B 132 22.14 9.88 -4.06
N SER B 133 21.71 8.62 -4.09
CA SER B 133 22.54 7.46 -3.68
C SER B 133 23.26 6.84 -4.86
N GLN B 134 22.98 7.36 -6.06
CA GLN B 134 23.32 6.70 -7.29
C GLN B 134 24.73 7.06 -7.76
N MET B 135 25.56 6.02 -7.95
CA MET B 135 26.87 6.18 -8.57
C MET B 135 26.79 6.60 -10.05
N TRP B 136 27.71 7.48 -10.42
CA TRP B 136 27.88 7.91 -11.83
C TRP B 136 28.91 7.07 -12.58
N GLN B 137 29.97 6.67 -11.87
CA GLN B 137 30.97 5.75 -12.41
C GLN B 137 31.11 4.50 -11.51
N PRO B 138 31.47 3.35 -12.10
CA PRO B 138 31.72 2.14 -11.31
C PRO B 138 32.70 2.39 -10.19
N LEU B 139 32.63 1.55 -9.17
CA LEU B 139 33.46 1.71 -8.02
C LEU B 139 34.39 0.48 -8.01
N GLU B 140 35.70 0.71 -7.90
CA GLU B 140 36.59 -0.43 -7.80
C GLU B 140 36.45 -1.01 -6.39
N LEU B 141 36.51 -2.33 -6.33
CA LEU B 141 36.38 -3.07 -5.07
C LEU B 141 37.68 -2.99 -4.24
N ILE B 142 37.87 -1.84 -3.62
CA ILE B 142 39.03 -1.53 -2.81
C ILE B 142 38.54 -0.92 -1.52
N SER B 143 38.70 -1.68 -0.44
CA SER B 143 38.26 -1.23 0.87
C SER B 143 39.07 -0.03 1.30
N GLY B 144 38.35 0.99 1.78
CA GLY B 144 38.96 2.14 2.41
C GLY B 144 39.49 3.21 1.47
N LYS B 145 39.28 3.02 0.17
CA LYS B 145 39.73 3.99 -0.81
C LYS B 145 38.59 4.98 -1.08
N ASP B 146 38.85 6.27 -0.82
CA ASP B 146 37.90 7.33 -1.22
C ASP B 146 37.67 7.29 -2.69
N GLN B 147 36.40 7.28 -3.12
CA GLN B 147 36.10 7.28 -4.56
C GLN B 147 35.19 8.49 -4.88
N PRO B 148 35.80 9.72 -4.92
CA PRO B 148 35.07 10.96 -5.17
C PRO B 148 34.40 10.95 -6.51
N GLN B 149 33.13 11.34 -6.51
CA GLN B 149 32.37 11.46 -7.76
C GLN B 149 31.55 12.75 -7.69
N VAL B 150 30.91 13.11 -8.79
CA VAL B 150 30.14 14.39 -8.77
C VAL B 150 29.01 14.36 -7.69
N PRO B 151 28.26 13.24 -7.58
CA PRO B 151 27.21 13.17 -6.52
C PRO B 151 27.69 13.24 -5.07
N CYS B 152 28.87 12.66 -4.80
CA CYS B 152 29.40 12.54 -3.44
C CYS B 152 30.70 11.71 -3.50
N ILE B 153 31.36 11.61 -2.37
CA ILE B 153 32.42 10.60 -2.21
C ILE B 153 31.78 9.26 -1.84
N PHE B 154 31.97 8.24 -2.68
CA PHE B 154 31.63 6.85 -2.38
C PHE B 154 32.77 6.14 -1.62
N CYS B 155 32.38 5.23 -0.73
CA CYS B 155 33.32 4.49 0.09
CA CYS B 155 33.33 4.48 0.07
C CYS B 155 32.83 3.06 0.16
N LEU B 156 33.67 2.12 -0.27
CA LEU B 156 33.44 0.69 -0.01
C LEU B 156 34.35 0.28 1.12
N THR B 157 33.79 -0.41 2.13
CA THR B 157 34.56 -0.92 3.30
C THR B 157 34.16 -2.38 3.50
N GLU B 158 35.14 -3.25 3.69
CA GLU B 158 34.93 -4.66 3.97
C GLU B 158 35.11 -4.88 5.46
N GLU B 159 34.21 -5.65 6.05
CA GLU B 159 34.37 -6.13 7.42
C GLU B 159 33.80 -7.50 7.53
N ARG B 160 34.63 -8.44 7.99
CA ARG B 160 34.21 -9.85 8.20
C ARG B 160 33.61 -10.49 6.91
N GLY B 161 34.10 -10.07 5.76
CA GLY B 161 33.69 -10.61 4.50
C GLY B 161 32.36 -10.06 3.95
N ILE B 162 31.88 -8.99 4.57
CA ILE B 162 30.73 -8.23 4.10
C ILE B 162 31.29 -6.89 3.62
N TRP B 163 30.79 -6.44 2.48
CA TRP B 163 31.15 -5.18 1.87
C TRP B 163 30.04 -4.15 2.08
N TYR B 164 30.42 -2.96 2.48
CA TYR B 164 29.51 -1.88 2.87
C TYR B 164 29.71 -0.72 1.92
N LEU B 165 28.64 -0.27 1.29
CA LEU B 165 28.69 0.94 0.41
C LEU B 165 28.10 2.11 1.15
N ASP B 166 28.95 3.11 1.43
CA ASP B 166 28.55 4.35 2.05
C ASP B 166 28.86 5.55 1.13
N GLN B 167 28.32 6.72 1.48
CA GLN B 167 28.62 7.95 0.74
C GLN B 167 28.89 9.08 1.72
N ILE B 168 29.70 10.04 1.31
CA ILE B 168 29.87 11.26 2.09
C ILE B 168 29.35 12.41 1.23
N ARG B 169 28.25 12.99 1.70
CA ARG B 169 27.50 13.98 0.96
C ARG B 169 27.98 15.37 1.34
N ARG B 170 27.83 16.30 0.40
CA ARG B 170 28.11 17.73 0.65
C ARG B 170 27.03 18.35 1.51
N GLU B 171 27.33 19.52 2.08
CA GLU B 171 26.25 20.33 2.66
C GLU B 171 25.27 20.70 1.51
N GLN B 172 24.06 21.08 1.89
CA GLN B 172 23.00 21.35 0.91
C GLN B 172 22.25 22.63 1.27
N TYR B 173 21.81 23.33 0.24
CA TYR B 173 21.00 24.54 0.41
C TYR B 173 19.64 24.32 -0.26
N ILE B 174 18.57 24.50 0.53
CA ILE B 174 17.21 24.30 0.06
C ILE B 174 16.63 25.65 -0.37
N THR B 175 16.29 25.79 -1.65
CA THR B 175 15.83 27.07 -2.19
C THR B 175 14.40 27.41 -1.70
N ASN B 176 13.49 26.41 -1.68
CA ASN B 176 12.11 26.58 -1.14
C ASN B 176 12.04 26.40 0.39
N LYS B 177 11.85 27.50 1.11
CA LYS B 177 11.99 27.53 2.60
C LYS B 177 10.97 26.69 3.42
N GLU B 178 9.85 26.31 2.79
CA GLU B 178 8.84 25.48 3.45
C GLU B 178 9.29 24.00 3.58
N PHE B 179 10.30 23.61 2.80
CA PHE B 179 10.86 22.24 2.79
C PHE B 179 12.23 22.16 3.46
N LEU B 180 12.54 23.12 4.32
CA LEU B 180 13.81 23.13 5.04
C LEU B 180 13.96 21.83 5.84
N ASN B 181 12.93 21.47 6.61
CA ASN B 181 12.98 20.28 7.48
C ASN B 181 12.27 19.03 6.90
N SER B 182 12.04 19.02 5.59
CA SER B 182 11.36 17.92 4.91
C SER B 182 11.95 16.56 5.29
N HIS B 183 11.06 15.56 5.38
CA HIS B 183 11.46 14.16 5.66
C HIS B 183 12.00 13.42 4.41
N LEU B 184 11.98 14.09 3.25
CA LEU B 184 12.56 13.56 2.01
C LEU B 184 14.08 13.74 1.91
N LEU B 185 14.64 14.49 2.86
CA LEU B 185 16.03 14.92 2.81
C LEU B 185 16.86 14.03 3.71
N PRO B 186 17.96 13.47 3.17
CA PRO B 186 18.84 12.67 4.02
C PRO B 186 19.23 13.33 5.35
N LYS B 187 19.20 12.54 6.41
CA LYS B 187 19.48 13.02 7.77
C LYS B 187 20.91 13.59 7.90
N LYS B 188 21.90 12.92 7.31
CA LYS B 188 23.32 13.24 7.57
C LYS B 188 24.23 13.20 6.34
N LYS B 189 25.43 13.76 6.48
CA LYS B 189 26.40 13.80 5.39
C LYS B 189 26.99 12.39 5.15
N HIS B 190 27.38 11.73 6.23
CA HIS B 190 27.87 10.32 6.17
C HIS B 190 26.68 9.36 6.26
N GLN B 191 26.36 8.77 5.13
CA GLN B 191 25.15 7.94 4.97
C GLN B 191 25.51 6.54 4.44
N LYS B 192 25.05 5.52 5.20
CA LYS B 192 25.09 4.14 4.75
C LYS B 192 24.03 3.90 3.66
N ILE B 193 24.41 3.19 2.61
CA ILE B 193 23.48 2.88 1.48
C ILE B 193 23.01 1.42 1.51
N TYR B 194 23.96 0.50 1.40
CA TYR B 194 23.67 -0.92 1.48
C TYR B 194 24.91 -1.74 1.80
N LEU B 195 24.69 -3.03 2.02
CA LEU B 195 25.80 -3.98 2.18
C LEU B 195 25.54 -5.16 1.27
N PHE B 196 26.61 -5.87 0.95
CA PHE B 196 26.53 -7.00 0.07
C PHE B 196 27.73 -7.95 0.32
N THR B 197 27.69 -9.09 -0.35
CA THR B 197 28.80 -10.02 -0.37
C THR B 197 29.13 -10.34 -1.82
N LEU B 198 30.29 -10.97 -2.03
CA LEU B 198 30.75 -11.37 -3.38
C LEU B 198 30.23 -12.73 -3.87
N GLU B 199 29.30 -13.33 -3.12
CA GLU B 199 28.72 -14.62 -3.49
C GLU B 199 27.90 -14.44 -4.75
N PRO B 200 28.27 -15.17 -5.83
CA PRO B 200 27.51 -15.11 -7.08
C PRO B 200 26.05 -15.52 -6.91
N ARG B 201 25.16 -14.74 -7.50
CA ARG B 201 23.72 -14.99 -7.45
C ARG B 201 23.18 -15.20 -8.87
N THR B 202 22.01 -15.83 -8.93
CA THR B 202 21.22 -15.89 -10.17
C THR B 202 19.92 -15.11 -9.96
N ILE B 203 19.21 -14.80 -11.05
CA ILE B 203 17.94 -14.04 -10.93
C ILE B 203 16.91 -14.80 -10.09
N GLU B 204 16.97 -16.13 -10.10
CA GLU B 204 16.09 -16.99 -9.31
C GLU B 204 16.17 -16.70 -7.82
N ASP B 205 17.36 -16.25 -7.39
CA ASP B 205 17.57 -15.87 -5.99
C ASP B 205 16.77 -14.62 -5.60
N PHE B 206 16.12 -13.96 -6.58
CA PHE B 206 15.31 -12.76 -6.31
C PHE B 206 13.81 -12.92 -6.57
N GLU B 207 13.37 -14.14 -6.87
CA GLU B 207 11.98 -14.36 -7.30
C GLU B 207 11.02 -14.12 -6.14
N SER B 208 11.36 -14.72 -5.01
CA SER B 208 10.64 -14.54 -3.76
C SER B 208 10.70 -13.07 -3.26
N MET B 209 11.86 -12.42 -3.36
CA MET B 209 11.99 -11.00 -3.02
C MET B 209 11.16 -10.05 -3.85
N ASN B 210 11.08 -10.33 -5.15
CA ASN B 210 10.28 -9.51 -6.07
C ASN B 210 8.83 -9.45 -5.57
N THR B 211 8.30 -10.62 -5.21
CA THR B 211 6.94 -10.72 -4.64
C THR B 211 6.83 -10.00 -3.28
N TYR B 212 7.79 -10.28 -2.39
CA TYR B 212 7.89 -9.64 -1.09
C TYR B 212 7.85 -8.12 -1.14
N LEU B 213 8.56 -7.53 -2.10
CA LEU B 213 8.64 -6.06 -2.17
C LEU B 213 7.32 -5.46 -2.67
N GLN B 214 6.49 -6.29 -3.29
CA GLN B 214 5.16 -5.88 -3.71
C GLN B 214 4.07 -6.15 -2.65
N THR B 215 4.39 -6.89 -1.58
CA THR B 215 3.36 -7.42 -0.64
C THR B 215 3.62 -7.17 0.86
N SER B 216 4.90 -7.20 1.26
CA SER B 216 5.24 -7.06 2.67
C SER B 216 4.80 -5.72 3.24
N PRO B 217 4.22 -5.71 4.47
CA PRO B 217 3.88 -4.43 5.08
C PRO B 217 5.12 -3.57 5.36
N THR B 218 6.30 -4.16 5.31
CA THR B 218 7.54 -3.42 5.51
C THR B 218 8.03 -2.67 4.24
N SER B 219 7.47 -2.99 3.06
CA SER B 219 7.94 -2.43 1.81
C SER B 219 7.49 -0.96 1.58
N SER B 220 8.46 -0.07 1.55
CA SER B 220 8.19 1.35 1.29
C SER B 220 7.64 1.61 -0.13
N PHE B 221 7.83 0.65 -1.03
CA PHE B 221 7.37 0.74 -2.43
C PHE B 221 5.84 0.66 -2.54
N ILE B 222 5.20 0.09 -1.50
CA ILE B 222 3.75 -0.06 -1.48
C ILE B 222 3.08 1.24 -1.05
N THR B 223 3.74 2.00 -0.20
CA THR B 223 3.18 3.23 0.35
C THR B 223 3.79 4.51 -0.28
N THR B 224 4.68 4.33 -1.26
CA THR B 224 5.40 5.49 -1.84
C THR B 224 5.50 5.35 -3.34
N SER B 225 4.99 6.35 -4.09
CA SER B 225 5.23 6.44 -5.54
C SER B 225 6.53 7.27 -5.69
N PHE B 226 7.47 6.72 -6.46
CA PHE B 226 8.86 7.21 -6.51
C PHE B 226 9.47 7.06 -7.89
N CYS B 227 10.08 8.16 -8.36
CA CYS B 227 10.88 8.11 -9.57
CA CYS B 227 10.78 8.28 -9.66
C CYS B 227 12.07 9.06 -9.43
N SER B 228 13.21 8.60 -9.95
CA SER B 228 14.43 9.44 -9.96
C SER B 228 15.16 9.34 -11.31
N LEU B 229 15.86 10.41 -11.68
CA LEU B 229 16.60 10.45 -12.96
C LEU B 229 17.84 11.28 -12.75
N GLN B 230 18.97 10.77 -13.21
CA GLN B 230 20.25 11.46 -13.04
C GLN B 230 20.42 12.36 -14.26
N THR B 231 20.93 13.57 -14.04
CA THR B 231 21.31 14.49 -15.16
C THR B 231 22.82 14.76 -15.09
N PRO B 232 23.41 15.33 -16.17
CA PRO B 232 24.85 15.58 -16.12
C PRO B 232 25.29 16.49 -14.97
N GLU B 233 24.38 17.26 -14.37
CA GLU B 233 24.74 18.14 -13.23
C GLU B 233 24.03 17.83 -11.90
N GLY B 234 23.13 16.85 -11.88
CA GLY B 234 22.33 16.62 -10.68
C GLY B 234 21.31 15.49 -10.75
N VAL B 235 20.30 15.58 -9.86
CA VAL B 235 19.26 14.55 -9.80
C VAL B 235 17.85 15.15 -9.66
N TYR B 236 16.94 14.64 -10.49
CA TYR B 236 15.49 14.84 -10.33
C TYR B 236 14.86 13.68 -9.57
N CYS B 237 14.04 14.00 -8.56
CA CYS B 237 13.31 12.97 -7.81
CA CYS B 237 13.29 12.97 -7.83
C CYS B 237 11.89 13.45 -7.49
N LEU B 238 10.90 12.68 -7.91
CA LEU B 238 9.49 12.92 -7.54
C LEU B 238 8.99 11.83 -6.57
N VAL B 239 8.70 12.25 -5.34
CA VAL B 239 8.12 11.38 -4.31
C VAL B 239 6.69 11.86 -3.97
N GLY B 240 5.70 11.08 -4.42
CA GLY B 240 4.30 11.44 -4.23
C GLY B 240 3.97 12.60 -5.16
N PHE B 241 3.69 13.75 -4.56
CA PHE B 241 3.42 15.01 -5.32
C PHE B 241 4.57 16.04 -5.21
N ILE B 242 5.64 15.71 -4.49
CA ILE B 242 6.74 16.64 -4.27
C ILE B 242 7.84 16.41 -5.30
N LEU B 243 8.04 17.39 -6.18
CA LEU B 243 9.13 17.33 -7.18
C LEU B 243 10.35 18.04 -6.63
N THR B 244 11.49 17.39 -6.76
CA THR B 244 12.73 17.94 -6.28
C THR B 244 13.77 17.93 -7.41
N TYR B 245 14.68 18.90 -7.36
CA TYR B 245 15.90 18.86 -8.18
C TYR B 245 17.07 19.26 -7.32
N ARG B 246 18.13 18.45 -7.43
CA ARG B 246 19.37 18.71 -6.73
C ARG B 246 20.44 19.00 -7.76
N LYS B 247 21.11 20.15 -7.62
CA LYS B 247 22.31 20.45 -8.40
C LYS B 247 23.52 20.18 -7.54
N PHE B 248 24.35 19.25 -7.99
CA PHE B 248 25.51 18.87 -7.22
C PHE B 248 26.54 20.00 -7.28
N ASN B 249 27.04 20.39 -6.10
CA ASN B 249 28.12 21.35 -5.98
C ASN B 249 27.85 22.62 -6.80
N TYR B 250 26.78 23.33 -6.43
CA TYR B 250 26.39 24.56 -7.16
C TYR B 250 27.37 25.71 -6.85
N LYS B 251 27.75 25.83 -5.57
CA LYS B 251 28.68 26.88 -5.13
C LYS B 251 29.19 26.57 -3.74
N ASP B 252 30.51 26.65 -3.56
CA ASP B 252 31.16 26.44 -2.25
C ASP B 252 30.99 25.03 -1.69
N ASN B 253 31.27 24.01 -2.53
CA ASN B 253 31.15 22.60 -2.13
C ASN B 253 29.81 22.34 -1.44
N THR B 254 28.76 22.88 -2.06
CA THR B 254 27.39 22.82 -1.52
C THR B 254 26.45 22.46 -2.65
N ASP B 255 25.50 21.54 -2.39
CA ASP B 255 24.46 21.19 -3.36
C ASP B 255 23.33 22.20 -3.26
N LEU B 256 22.62 22.38 -4.36
CA LEU B 256 21.42 23.23 -4.39
C LEU B 256 20.19 22.34 -4.61
N VAL B 257 19.22 22.41 -3.69
CA VAL B 257 18.01 21.57 -3.79
C VAL B 257 16.69 22.40 -3.86
N GLU B 258 15.99 22.27 -4.98
CA GLU B 258 14.66 22.88 -5.19
C GLU B 258 13.51 21.91 -4.89
N PHE B 259 12.48 22.40 -4.17
CA PHE B 259 11.23 21.64 -3.90
C PHE B 259 10.04 22.32 -4.53
N LYS B 260 9.14 21.50 -5.11
CA LYS B 260 7.87 21.97 -5.71
C LYS B 260 6.71 20.96 -5.52
N THR B 261 5.70 21.34 -4.73
CA THR B 261 4.45 20.54 -4.61
C THR B 261 3.65 20.63 -5.88
N LEU B 262 3.57 19.53 -6.61
CA LEU B 262 2.79 19.45 -7.80
C LEU B 262 1.31 19.20 -7.45
N THR B 263 0.43 19.62 -8.37
CA THR B 263 -0.97 19.21 -8.39
C THR B 263 -1.02 17.92 -9.20
N GLU B 264 -2.20 17.32 -9.28
CA GLU B 264 -2.34 15.99 -9.88
C GLU B 264 -2.20 16.03 -11.41
N GLU B 265 -2.51 17.17 -12.03
CA GLU B 265 -2.27 17.36 -13.47
C GLU B 265 -0.79 17.69 -13.71
N GLU B 266 -0.22 18.50 -12.83
CA GLU B 266 1.19 18.85 -12.90
C GLU B 266 2.08 17.63 -12.66
N VAL B 267 1.52 16.54 -12.11
CA VAL B 267 2.24 15.26 -12.00
C VAL B 267 2.46 14.61 -13.36
N GLU B 268 1.39 14.46 -14.14
CA GLU B 268 1.45 13.80 -15.48
C GLU B 268 2.35 14.52 -16.49
N GLU B 269 2.33 15.85 -16.45
CA GLU B 269 3.19 16.67 -17.32
C GLU B 269 4.66 16.43 -16.98
N VAL B 270 5.01 16.58 -15.71
CA VAL B 270 6.39 16.41 -15.24
C VAL B 270 6.92 15.01 -15.52
N LEU B 271 6.10 13.98 -15.38
CA LEU B 271 6.49 12.63 -15.79
C LEU B 271 6.89 12.61 -17.26
N LYS B 272 6.14 13.34 -18.08
CA LYS B 272 6.37 13.35 -19.53
C LYS B 272 7.60 14.15 -19.91
N ASN B 273 7.71 15.38 -19.41
CA ASN B 273 8.81 16.27 -19.84
C ASN B 273 10.14 16.01 -19.12
N ILE B 274 10.08 15.72 -17.82
CA ILE B 274 11.30 15.43 -17.04
CA ILE B 274 11.30 15.44 -17.05
C ILE B 274 11.72 13.96 -17.14
N PHE B 275 10.84 13.06 -16.74
CA PHE B 275 11.21 11.64 -16.68
C PHE B 275 11.06 10.86 -17.95
N LYS B 276 10.42 11.46 -18.96
CA LYS B 276 10.11 10.73 -20.20
C LYS B 276 9.28 9.45 -19.98
N ILE B 277 8.39 9.51 -18.98
CA ILE B 277 7.51 8.38 -18.60
C ILE B 277 6.07 8.72 -19.03
N SER B 278 5.46 7.80 -19.77
CA SER B 278 4.03 7.85 -20.09
C SER B 278 3.33 6.59 -19.54
N LEU B 279 2.43 6.77 -18.57
CA LEU B 279 1.71 5.64 -17.94
C LEU B 279 0.42 5.33 -18.69
N GLY B 280 0.16 4.05 -18.92
CA GLY B 280 -1.06 3.60 -19.60
C GLY B 280 -2.32 3.55 -18.73
N ARG B 281 -2.18 3.81 -17.43
CA ARG B 281 -3.33 3.85 -16.51
C ARG B 281 -3.21 5.01 -15.55
N ASN B 282 -4.33 5.32 -14.91
CA ASN B 282 -4.36 6.31 -13.86
C ASN B 282 -3.39 5.93 -12.73
N LEU B 283 -2.56 6.89 -12.36
CA LEU B 283 -1.61 6.75 -11.28
C LEU B 283 -2.24 7.32 -10.06
N VAL B 284 -2.11 6.63 -8.93
CA VAL B 284 -2.45 7.19 -7.63
C VAL B 284 -1.14 7.49 -6.83
N PRO B 285 -0.63 8.73 -6.91
CA PRO B 285 0.56 9.10 -6.12
C PRO B 285 0.38 8.99 -4.59
N LYS B 286 1.45 8.57 -3.93
CA LYS B 286 1.44 8.40 -2.49
C LYS B 286 2.68 9.06 -1.90
N PRO B 287 2.50 9.90 -0.87
CA PRO B 287 3.58 10.77 -0.36
C PRO B 287 4.73 10.00 0.33
N GLY B 288 4.38 8.90 1.00
CA GLY B 288 5.36 8.11 1.75
C GLY B 288 5.50 8.65 3.15
N ASP B 289 6.42 8.07 3.93
CA ASP B 289 6.66 8.50 5.30
C ASP B 289 8.12 8.94 5.53
N GLY B 290 8.82 9.20 4.45
CA GLY B 290 10.25 9.62 4.52
C GLY B 290 11.22 8.45 4.42
N SER B 291 10.70 7.25 4.15
CA SER B 291 11.53 6.03 4.07
C SER B 291 12.37 6.01 2.80
N LEU B 292 11.88 6.66 1.75
CA LEU B 292 12.59 6.77 0.49
C LEU B 292 12.99 8.23 0.28
N THR B 293 14.27 8.52 0.52
CA THR B 293 14.79 9.89 0.46
C THR B 293 15.26 10.29 -0.96
N ILE B 294 15.39 11.59 -1.18
CA ILE B 294 15.97 12.06 -2.43
C ILE B 294 17.51 12.01 -2.32
#